data_3JVS
#
_entry.id   3JVS
#
_cell.length_a   44.754
_cell.length_b   65.578
_cell.length_c   57.931
_cell.angle_alpha   90.00
_cell.angle_beta   93.73
_cell.angle_gamma   90.00
#
_symmetry.space_group_name_H-M   'P 1 21 1'
#
loop_
_entity.id
_entity.type
_entity.pdbx_description
1 polymer 'Serine/threonine-protein kinase Chk1'
2 non-polymer 2-[(4-tert-butyl-3-nitrophenyl)carbonyl]-N-naphthalen-1-ylhydrazinecarboxamide
3 water water
#
_entity_poly.entity_id   1
_entity_poly.type   'polypeptide(L)'
_entity_poly.pdbx_seq_one_letter_code
;AVPFVEDWDLVQTLGEGAYGEVQLAVNRVTEEAVAVKIVDMKRAVDCPENIKKEICINKMLNHENVVKFYGHRREGNIQY
LFLEYCSGGELFDRIEPDIGMPEPDAQRFFHQLMAGVVYLHGIGITHRDIKPENLLLDERDNLKISDFGLATVFRYNNRE
RLLNKMCGTLPYVAPELLKRREFHAEPVDVWSCGIVLTAMLAGELPWDQPSDSCQEYSDWKEKKTYLNPWKKIDSAPLAL
LHKILVENPSARITIPDIKKDRWYNKPLKKG
;
_entity_poly.pdbx_strand_id   A
#
loop_
_chem_comp.id
_chem_comp.type
_chem_comp.name
_chem_comp.formula
AGY non-polymer 2-[(4-tert-butyl-3-nitrophenyl)carbonyl]-N-naphthalen-1-ylhydrazinecarboxamide 'C22 H22 N4 O4'
#
# COMPACT_ATOMS: atom_id res chain seq x y z
N ALA A 1 27.13 -29.30 -4.49
CA ALA A 1 25.95 -28.51 -4.92
C ALA A 1 25.40 -29.01 -6.25
N VAL A 2 24.16 -28.63 -6.55
CA VAL A 2 23.53 -29.01 -7.80
C VAL A 2 23.89 -28.00 -8.90
N PRO A 3 24.44 -28.49 -10.02
CA PRO A 3 24.79 -27.59 -11.13
C PRO A 3 23.59 -26.83 -11.66
N PHE A 4 23.82 -25.60 -12.09
CA PHE A 4 22.83 -24.82 -12.85
C PHE A 4 21.78 -24.15 -11.96
N VAL A 5 21.72 -24.53 -10.68
CA VAL A 5 20.67 -24.04 -9.79
C VAL A 5 20.75 -22.53 -9.56
N GLU A 6 21.82 -21.90 -10.00
CA GLU A 6 21.99 -20.47 -9.83
C GLU A 6 21.54 -19.68 -11.06
N ASP A 7 21.10 -20.41 -12.09
CA ASP A 7 20.68 -19.78 -13.35
C ASP A 7 19.20 -19.48 -13.37
N TRP A 8 18.86 -18.24 -13.72
CA TRP A 8 17.47 -17.83 -13.88
C TRP A 8 17.24 -17.29 -15.29
N ASP A 9 16.21 -17.79 -15.95
CA ASP A 9 15.81 -17.24 -17.24
C ASP A 9 14.80 -16.12 -17.04
N LEU A 10 15.03 -14.99 -17.70
CA LEU A 10 14.07 -13.89 -17.69
C LEU A 10 13.09 -14.10 -18.83
N VAL A 11 11.87 -14.46 -18.49
CA VAL A 11 10.93 -15.00 -19.48
C VAL A 11 9.77 -14.05 -19.79
N GLN A 12 9.63 -13.01 -18.98
CA GLN A 12 8.51 -12.09 -19.16
C GLN A 12 8.71 -10.78 -18.41
N THR A 13 8.52 -9.67 -19.12
CA THR A 13 8.59 -8.35 -18.49
C THR A 13 7.32 -8.09 -17.68
N LEU A 14 7.50 -7.73 -16.41
CA LEU A 14 6.37 -7.54 -15.51
C LEU A 14 5.99 -6.07 -15.40
N GLY A 15 6.97 -5.19 -15.56
CA GLY A 15 6.70 -3.77 -15.51
C GLY A 15 7.94 -2.92 -15.69
N GLU A 16 7.74 -1.64 -15.99
CA GLU A 16 8.84 -0.70 -16.13
C GLU A 16 8.47 0.65 -15.53
N GLU A 21 13.39 -1.76 -14.83
CA GLU A 21 12.37 -2.77 -15.25
C GLU A 21 12.31 -3.92 -14.25
N VAL A 22 11.17 -4.59 -14.21
CA VAL A 22 11.01 -5.79 -13.38
C VAL A 22 10.69 -6.98 -14.28
N GLN A 23 11.48 -8.05 -14.15
CA GLN A 23 11.32 -9.23 -14.99
C GLN A 23 10.89 -10.45 -14.19
N LEU A 24 10.00 -11.25 -14.77
CA LEU A 24 9.70 -12.56 -14.20
C LEU A 24 10.86 -13.50 -14.47
N ALA A 25 11.47 -14.01 -13.40
CA ALA A 25 12.60 -14.92 -13.53
C ALA A 25 12.22 -16.33 -13.09
N VAL A 26 12.64 -17.33 -13.86
CA VAL A 26 12.33 -18.72 -13.55
C VAL A 26 13.62 -19.53 -13.42
N ASN A 27 13.73 -20.29 -12.34
CA ASN A 27 14.97 -21.01 -12.06
C ASN A 27 15.15 -22.13 -13.08
N ARG A 28 16.35 -22.22 -13.62
CA ARG A 28 16.67 -23.18 -14.67
C ARG A 28 16.41 -24.61 -14.21
N VAL A 29 16.73 -24.89 -12.96
CA VAL A 29 16.59 -26.23 -12.41
C VAL A 29 15.24 -26.46 -11.74
N THR A 30 14.90 -25.60 -10.79
CA THR A 30 13.74 -25.85 -9.93
C THR A 30 12.45 -25.28 -10.50
N GLU A 31 12.58 -24.37 -11.46
CA GLU A 31 11.45 -23.67 -12.05
C GLU A 31 10.72 -22.76 -11.05
N GLU A 32 11.36 -22.49 -9.92
CA GLU A 32 10.82 -21.51 -8.98
C GLU A 32 10.71 -20.15 -9.66
N ALA A 33 9.61 -19.47 -9.44
CA ALA A 33 9.40 -18.15 -10.03
C ALA A 33 9.69 -17.04 -9.02
N VAL A 34 10.46 -16.05 -9.46
CA VAL A 34 10.71 -14.86 -8.65
C VAL A 34 10.62 -13.61 -9.52
N ALA A 35 10.47 -12.46 -8.88
CA ALA A 35 10.53 -11.18 -9.58
C ALA A 35 11.93 -10.60 -9.44
N VAL A 36 12.49 -10.14 -10.54
CA VAL A 36 13.80 -9.50 -10.50
C VAL A 36 13.69 -8.04 -10.92
N LYS A 37 13.99 -7.15 -9.97
CA LYS A 37 13.96 -5.72 -10.24
C LYS A 37 15.34 -5.30 -10.71
N ILE A 38 15.41 -4.79 -11.93
CA ILE A 38 16.70 -4.43 -12.53
C ILE A 38 16.83 -2.91 -12.65
N VAL A 39 17.68 -2.33 -11.82
CA VAL A 39 17.83 -0.88 -11.76
C VAL A 39 19.18 -0.43 -12.33
N ASP A 40 19.14 0.54 -13.23
CA ASP A 40 20.33 1.00 -13.94
C ASP A 40 21.01 2.15 -13.19
N ASN A 50 19.95 5.71 -3.44
CA ASN A 50 18.48 5.43 -3.37
C ASN A 50 18.22 3.93 -3.44
N ILE A 51 18.89 3.25 -4.35
CA ILE A 51 18.79 1.81 -4.47
C ILE A 51 19.43 1.15 -3.24
N LYS A 52 20.50 1.77 -2.75
CA LYS A 52 21.18 1.28 -1.55
C LYS A 52 20.23 1.23 -0.37
N LYS A 53 19.39 2.27 -0.25
CA LYS A 53 18.45 2.37 0.86
C LYS A 53 17.29 1.40 0.71
N GLU A 54 16.79 1.27 -0.51
CA GLU A 54 15.70 0.34 -0.79
C GLU A 54 16.10 -1.09 -0.43
N ILE A 55 17.32 -1.46 -0.79
CA ILE A 55 17.82 -2.81 -0.50
C ILE A 55 17.97 -3.02 1.00
N CYS A 56 18.52 -2.00 1.68
CA CYS A 56 18.72 -2.08 3.12
C CYS A 56 17.42 -2.28 3.89
N ILE A 57 16.41 -1.48 3.56
CA ILE A 57 15.12 -1.61 4.21
C ILE A 57 14.48 -2.95 3.87
N ASN A 58 14.63 -3.38 2.62
CA ASN A 58 14.10 -4.65 2.18
C ASN A 58 14.63 -5.82 3.02
N LYS A 59 15.85 -5.65 3.55
CA LYS A 59 16.47 -6.71 4.34
C LYS A 59 15.84 -6.83 5.72
N MET A 60 15.13 -5.80 6.15
CA MET A 60 14.44 -5.82 7.43
C MET A 60 13.08 -6.51 7.34
N LEU A 61 12.59 -6.72 6.11
CA LEU A 61 11.20 -7.09 5.91
C LEU A 61 10.97 -8.59 5.88
N ASN A 62 10.08 -9.07 6.76
CA ASN A 62 9.69 -10.47 6.76
C ASN A 62 8.26 -10.63 7.25
N HIS A 63 7.30 -10.56 6.34
CA HIS A 63 5.89 -10.65 6.70
C HIS A 63 5.08 -11.11 5.50
N GLU A 64 4.03 -11.88 5.76
CA GLU A 64 3.26 -12.51 4.70
C GLU A 64 2.49 -11.52 3.82
N ASN A 65 2.32 -10.28 4.29
CA ASN A 65 1.65 -9.25 3.48
C ASN A 65 2.60 -8.15 3.04
N VAL A 66 3.90 -8.47 3.02
CA VAL A 66 4.91 -7.60 2.41
C VAL A 66 5.74 -8.43 1.42
N VAL A 67 5.94 -7.91 0.21
CA VAL A 67 6.73 -8.61 -0.78
C VAL A 67 8.08 -9.02 -0.20
N LYS A 68 8.43 -10.29 -0.34
CA LYS A 68 9.66 -10.83 0.22
C LYS A 68 10.88 -10.41 -0.57
N PHE A 69 11.96 -10.09 0.15
CA PHE A 69 13.24 -9.79 -0.46
C PHE A 69 14.19 -10.95 -0.25
N TYR A 70 14.68 -11.52 -1.35
CA TYR A 70 15.53 -12.70 -1.28
C TYR A 70 17.01 -12.33 -1.24
N GLY A 71 17.39 -11.33 -2.03
CA GLY A 71 18.76 -10.89 -2.06
C GLY A 71 19.05 -10.05 -3.29
N HIS A 72 20.29 -9.57 -3.41
CA HIS A 72 20.67 -8.75 -4.57
C HIS A 72 22.11 -9.03 -5.00
N ARG A 73 22.41 -8.69 -6.24
CA ARG A 73 23.77 -8.77 -6.75
C ARG A 73 24.04 -7.69 -7.80
N ARG A 74 25.26 -7.16 -7.80
CA ARG A 74 25.63 -6.11 -8.75
C ARG A 74 26.26 -6.69 -10.00
N GLU A 75 26.01 -6.03 -11.14
CA GLU A 75 26.58 -6.45 -12.41
C GLU A 75 27.23 -5.26 -13.11
N ILE A 78 24.75 -2.02 -12.58
CA ILE A 78 23.38 -2.59 -12.60
C ILE A 78 23.11 -3.44 -11.37
N GLN A 79 22.10 -3.06 -10.59
CA GLN A 79 21.70 -3.83 -9.42
C GLN A 79 20.55 -4.78 -9.77
N TYR A 80 20.58 -5.97 -9.18
CA TYR A 80 19.52 -6.95 -9.37
C TYR A 80 18.89 -7.33 -8.03
N LEU A 81 17.63 -6.92 -7.85
CA LEU A 81 16.90 -7.25 -6.64
C LEU A 81 16.01 -8.46 -6.86
N PHE A 82 16.20 -9.50 -6.07
CA PHE A 82 15.38 -10.69 -6.16
C PHE A 82 14.20 -10.59 -5.21
N LEU A 83 13.00 -10.51 -5.78
CA LEU A 83 11.79 -10.21 -5.03
C LEU A 83 10.76 -11.32 -5.14
N GLU A 84 9.89 -11.42 -4.15
CA GLU A 84 8.79 -12.37 -4.20
C GLU A 84 7.96 -12.10 -5.44
N TYR A 85 7.64 -13.16 -6.19
CA TYR A 85 6.79 -13.04 -7.35
C TYR A 85 5.31 -13.16 -6.96
N CYS A 86 4.51 -12.23 -7.45
CA CYS A 86 3.09 -12.18 -7.13
C CYS A 86 2.27 -12.36 -8.40
N SER A 87 1.79 -13.59 -8.63
CA SER A 87 1.21 -13.95 -9.91
C SER A 87 -0.18 -13.38 -10.13
N GLY A 88 -0.80 -12.90 -9.05
CA GLY A 88 -2.13 -12.32 -9.16
C GLY A 88 -2.12 -10.89 -9.69
N GLY A 89 -0.93 -10.29 -9.77
CA GLY A 89 -0.83 -8.96 -10.33
C GLY A 89 -1.13 -7.86 -9.33
N GLU A 90 -1.54 -6.70 -9.83
CA GLU A 90 -1.79 -5.55 -8.98
C GLU A 90 -3.25 -5.49 -8.53
N LEU A 91 -3.47 -5.04 -7.30
CA LEU A 91 -4.83 -4.75 -6.82
C LEU A 91 -5.50 -3.79 -7.78
N PHE A 92 -4.70 -2.92 -8.39
CA PHE A 92 -5.16 -1.95 -9.37
C PHE A 92 -6.11 -2.59 -10.39
N ASP A 93 -5.75 -3.79 -10.83
CA ASP A 93 -6.51 -4.45 -11.90
C ASP A 93 -7.80 -5.13 -11.41
N ARG A 94 -8.00 -5.17 -10.10
CA ARG A 94 -9.22 -5.76 -9.54
C ARG A 94 -10.31 -4.71 -9.31
N ILE A 95 -9.97 -3.46 -9.54
CA ILE A 95 -10.90 -2.36 -9.29
C ILE A 95 -11.56 -1.92 -10.59
N GLU A 96 -12.89 -2.05 -10.66
CA GLU A 96 -13.63 -1.65 -11.86
C GLU A 96 -14.02 -0.18 -11.78
N PRO A 97 -13.73 0.59 -12.85
CA PRO A 97 -14.05 2.02 -12.85
C PRO A 97 -15.51 2.27 -12.50
N ASP A 98 -15.74 3.20 -11.60
CA ASP A 98 -17.08 3.62 -11.20
C ASP A 98 -17.84 2.57 -10.40
N ILE A 99 -17.23 1.41 -10.22
CA ILE A 99 -17.88 0.31 -9.50
C ILE A 99 -17.11 -0.08 -8.25
N GLY A 100 -15.81 -0.30 -8.40
CA GLY A 100 -15.03 -0.83 -7.28
C GLY A 100 -14.95 -2.35 -7.36
N MET A 101 -15.35 -3.01 -6.29
CA MET A 101 -15.38 -4.47 -6.23
C MET A 101 -16.37 -4.87 -5.15
N PRO A 102 -16.71 -6.16 -5.06
CA PRO A 102 -17.64 -6.59 -4.02
C PRO A 102 -17.10 -6.25 -2.63
N GLU A 103 -17.97 -5.75 -1.76
CA GLU A 103 -17.55 -5.28 -0.44
C GLU A 103 -16.78 -6.34 0.37
N PRO A 104 -17.19 -7.62 0.29
CA PRO A 104 -16.43 -8.64 1.02
C PRO A 104 -14.98 -8.78 0.55
N ASP A 105 -14.77 -8.67 -0.76
CA ASP A 105 -13.43 -8.71 -1.31
C ASP A 105 -12.62 -7.51 -0.83
N ALA A 106 -13.25 -6.34 -0.82
CA ALA A 106 -12.56 -5.12 -0.40
C ALA A 106 -12.18 -5.21 1.08
N GLN A 107 -13.07 -5.75 1.90
CA GLN A 107 -12.79 -5.90 3.33
C GLN A 107 -11.61 -6.84 3.56
N ARG A 108 -11.58 -7.95 2.82
CA ARG A 108 -10.49 -8.90 2.94
C ARG A 108 -9.16 -8.26 2.54
N PHE A 109 -9.15 -7.53 1.43
CA PHE A 109 -7.93 -6.84 1.01
C PHE A 109 -7.52 -5.80 2.05
N PHE A 110 -8.51 -5.10 2.62
CA PHE A 110 -8.21 -4.09 3.62
C PHE A 110 -7.66 -4.71 4.90
N HIS A 111 -8.19 -5.85 5.31
CA HIS A 111 -7.64 -6.57 6.46
C HIS A 111 -6.16 -6.87 6.24
N GLN A 112 -5.83 -7.33 5.04
CA GLN A 112 -4.48 -7.76 4.75
C GLN A 112 -3.54 -6.56 4.59
N LEU A 113 -4.07 -5.47 4.05
CA LEU A 113 -3.32 -4.22 3.96
C LEU A 113 -2.98 -3.70 5.36
N MET A 114 -3.95 -3.71 6.26
CA MET A 114 -3.69 -3.30 7.64
C MET A 114 -2.64 -4.19 8.30
N ALA A 115 -2.73 -5.50 8.05
CA ALA A 115 -1.76 -6.42 8.64
C ALA A 115 -0.34 -6.09 8.19
N GLY A 116 -0.20 -5.82 6.88
CA GLY A 116 1.10 -5.43 6.36
C GLY A 116 1.58 -4.09 6.91
N VAL A 117 0.69 -3.11 6.97
CA VAL A 117 1.09 -1.79 7.45
C VAL A 117 1.39 -1.78 8.95
N VAL A 118 0.60 -2.51 9.72
CA VAL A 118 0.91 -2.70 11.14
C VAL A 118 2.31 -3.28 11.28
N TYR A 119 2.64 -4.26 10.45
CA TYR A 119 3.96 -4.87 10.54
C TYR A 119 5.08 -3.86 10.27
N LEU A 120 4.95 -3.13 9.15
CA LEU A 120 5.96 -2.14 8.79
C LEU A 120 6.14 -1.09 9.89
N HIS A 121 5.03 -0.53 10.37
CA HIS A 121 5.11 0.47 11.43
C HIS A 121 5.73 -0.11 12.70
N GLY A 122 5.48 -1.39 12.95
CA GLY A 122 6.06 -2.03 14.12
C GLY A 122 7.58 -2.10 14.08
N ILE A 123 8.15 -2.22 12.89
CA ILE A 123 9.60 -2.21 12.78
C ILE A 123 10.14 -0.83 12.39
N GLY A 124 9.28 0.19 12.47
CA GLY A 124 9.74 1.56 12.32
C GLY A 124 9.89 2.03 10.89
N ILE A 125 9.25 1.34 9.96
CA ILE A 125 9.33 1.68 8.54
C ILE A 125 8.01 2.23 8.03
N THR A 126 8.07 3.32 7.27
CA THR A 126 6.87 3.79 6.56
C THR A 126 7.08 3.66 5.06
N HIS A 127 6.04 3.19 4.36
CA HIS A 127 6.11 2.96 2.92
C HIS A 127 6.04 4.26 2.12
N ARG A 128 5.12 5.15 2.51
CA ARG A 128 5.03 6.50 1.97
C ARG A 128 4.41 6.63 0.58
N ASP A 129 4.01 5.51 -0.03
CA ASP A 129 3.35 5.57 -1.33
C ASP A 129 2.38 4.42 -1.55
N ILE A 130 1.52 4.19 -0.56
CA ILE A 130 0.52 3.14 -0.66
C ILE A 130 -0.56 3.51 -1.67
N LYS A 131 -0.77 2.64 -2.64
CA LYS A 131 -1.80 2.82 -3.67
C LYS A 131 -1.93 1.50 -4.42
N PRO A 132 -3.05 1.32 -5.14
CA PRO A 132 -3.35 -0.01 -5.70
C PRO A 132 -2.30 -0.58 -6.64
N GLU A 133 -1.53 0.28 -7.29
CA GLU A 133 -0.44 -0.18 -8.15
C GLU A 133 0.70 -0.81 -7.36
N ASN A 134 0.80 -0.48 -6.07
CA ASN A 134 1.88 -0.98 -5.22
C ASN A 134 1.39 -2.07 -4.27
N LEU A 135 0.17 -2.56 -4.49
CA LEU A 135 -0.35 -3.64 -3.69
C LEU A 135 -0.58 -4.85 -4.60
N LEU A 136 0.28 -5.85 -4.45
CA LEU A 136 0.28 -6.99 -5.36
C LEU A 136 -0.46 -8.17 -4.74
N LEU A 137 -0.82 -9.14 -5.57
CA LEU A 137 -1.58 -10.29 -5.10
C LEU A 137 -0.86 -11.58 -5.52
N ASP A 138 -0.78 -12.55 -4.60
CA ASP A 138 -0.18 -13.83 -4.94
C ASP A 138 -1.22 -14.73 -5.58
N GLU A 139 -0.91 -16.00 -5.78
CA GLU A 139 -1.79 -16.89 -6.52
C GLU A 139 -3.11 -17.14 -5.78
N ARG A 140 -3.10 -16.93 -4.47
CA ARG A 140 -4.30 -17.07 -3.66
C ARG A 140 -4.97 -15.72 -3.39
N ASP A 141 -4.50 -14.69 -4.08
CA ASP A 141 -5.04 -13.34 -3.92
C ASP A 141 -4.76 -12.75 -2.54
N ASN A 142 -3.68 -13.20 -1.90
CA ASN A 142 -3.20 -12.55 -0.70
C ASN A 142 -2.43 -11.29 -1.08
N LEU A 143 -2.71 -10.20 -0.36
CA LEU A 143 -2.15 -8.90 -0.69
C LEU A 143 -0.74 -8.74 -0.13
N LYS A 144 0.14 -8.15 -0.94
CA LYS A 144 1.53 -7.94 -0.55
C LYS A 144 1.89 -6.49 -0.87
N ILE A 145 2.35 -5.76 0.14
CA ILE A 145 2.81 -4.39 -0.08
C ILE A 145 4.14 -4.37 -0.83
N SER A 146 4.21 -3.57 -1.89
CA SER A 146 5.32 -3.64 -2.84
C SER A 146 6.03 -2.30 -3.04
N ASP A 147 7.33 -2.38 -3.33
CA ASP A 147 8.14 -1.25 -3.77
C ASP A 147 8.49 -0.28 -2.65
N PHE A 148 9.67 -0.45 -2.07
CA PHE A 148 10.09 0.37 -0.94
C PHE A 148 11.10 1.44 -1.34
N GLY A 149 11.00 1.88 -2.60
CA GLY A 149 11.90 2.89 -3.11
C GLY A 149 11.67 4.26 -2.49
N LEU A 150 10.50 4.47 -1.87
CA LEU A 150 10.24 5.72 -1.18
C LEU A 150 10.16 5.53 0.33
N ALA A 151 10.31 4.29 0.77
CA ALA A 151 10.19 3.96 2.19
C ALA A 151 11.31 4.60 2.99
N THR A 152 11.07 4.84 4.28
CA THR A 152 12.12 5.36 5.15
C THR A 152 11.85 5.01 6.61
N VAL A 153 12.87 5.17 7.45
CA VAL A 153 12.75 4.90 8.87
C VAL A 153 12.09 6.08 9.58
N PHE A 154 11.07 5.80 10.38
CA PHE A 154 10.44 6.84 11.18
C PHE A 154 10.55 6.55 12.68
N ARG A 155 11.02 5.36 13.03
CA ARG A 155 11.33 5.06 14.42
C ARG A 155 12.57 4.19 14.52
N TYR A 156 13.48 4.59 15.40
CA TYR A 156 14.74 3.88 15.59
C TYR A 156 15.17 4.00 17.06
N ASN A 157 15.63 2.90 17.63
CA ASN A 157 15.94 2.87 19.06
C ASN A 157 14.79 3.44 19.87
N ASN A 158 13.57 3.10 19.46
CA ASN A 158 12.36 3.50 20.16
C ASN A 158 12.10 5.00 20.19
N ARG A 159 12.79 5.75 19.33
CA ARG A 159 12.54 7.18 19.19
C ARG A 159 11.96 7.51 17.82
N GLU A 160 10.84 8.21 17.80
CA GLU A 160 10.21 8.60 16.54
C GLU A 160 10.92 9.80 15.92
N ARG A 161 11.12 9.75 14.61
CA ARG A 161 11.57 10.91 13.85
C ARG A 161 10.43 11.44 12.99
N LEU A 162 10.20 12.74 13.03
CA LEU A 162 9.20 13.38 12.20
C LEU A 162 9.67 13.45 10.74
N LEU A 163 8.74 13.29 9.81
CA LEU A 163 9.09 13.38 8.39
C LEU A 163 8.94 14.82 7.90
N ASN A 164 9.66 15.17 6.84
CA ASN A 164 9.46 16.46 6.18
C ASN A 164 9.48 16.40 4.64
N LYS A 165 9.96 15.29 4.09
CA LYS A 165 10.03 15.14 2.63
C LYS A 165 8.63 14.99 2.03
N MET A 166 8.31 15.81 1.04
CA MET A 166 7.07 15.65 0.29
C MET A 166 7.24 14.56 -0.75
N CYS A 167 6.47 13.48 -0.60
CA CYS A 167 6.50 12.40 -1.57
C CYS A 167 5.22 11.57 -1.48
N GLY A 168 5.07 10.63 -2.40
CA GLY A 168 3.82 9.89 -2.50
C GLY A 168 3.14 10.15 -3.83
N THR A 169 1.82 10.04 -3.85
CA THR A 169 1.03 10.21 -5.07
C THR A 169 -0.20 11.04 -4.70
N LEU A 170 -0.37 12.19 -5.36
CA LEU A 170 -1.24 13.24 -4.84
C LEU A 170 -2.65 12.83 -4.38
N PRO A 171 -3.37 12.05 -5.20
CA PRO A 171 -4.72 11.66 -4.77
C PRO A 171 -4.74 10.80 -3.50
N TYR A 172 -3.59 10.19 -3.17
CA TYR A 172 -3.49 9.33 -2.00
C TYR A 172 -2.83 10.00 -0.81
N VAL A 173 -2.23 11.16 -1.03
CA VAL A 173 -1.41 11.78 0.01
C VAL A 173 -2.26 12.54 1.04
N ALA A 174 -1.80 12.53 2.29
CA ALA A 174 -2.54 13.15 3.37
C ALA A 174 -2.37 14.67 3.33
N PRO A 175 -3.39 15.41 3.81
CA PRO A 175 -3.39 16.87 3.73
C PRO A 175 -2.24 17.55 4.48
N GLU A 176 -1.79 16.94 5.58
CA GLU A 176 -0.72 17.56 6.37
C GLU A 176 0.60 17.63 5.60
N LEU A 177 0.81 16.72 4.65
CA LEU A 177 2.01 16.75 3.82
C LEU A 177 2.01 17.98 2.94
N LEU A 178 0.82 18.47 2.61
CA LEU A 178 0.67 19.63 1.75
C LEU A 178 0.70 20.95 2.52
N LYS A 179 0.49 20.90 3.83
CA LYS A 179 0.37 22.14 4.57
C LYS A 179 1.35 22.35 5.72
N ARG A 180 2.04 21.30 6.14
CA ARG A 180 2.93 21.40 7.30
C ARG A 180 4.36 21.05 6.92
N ARG A 181 5.32 21.69 7.59
CA ARG A 181 6.73 21.41 7.30
C ARG A 181 7.13 20.01 7.76
N GLU A 182 6.69 19.63 8.96
CA GLU A 182 6.94 18.29 9.47
C GLU A 182 5.62 17.58 9.82
N PHE A 183 5.65 16.26 9.85
CA PHE A 183 4.45 15.48 10.16
C PHE A 183 4.81 14.06 10.61
N HIS A 184 3.94 13.46 11.40
CA HIS A 184 4.11 12.08 11.85
C HIS A 184 3.91 11.12 10.68
N ALA A 185 4.74 10.08 10.59
CA ALA A 185 4.68 9.15 9.47
C ALA A 185 3.43 8.27 9.44
N GLU A 186 3.02 7.77 10.60
CA GLU A 186 1.99 6.74 10.62
C GLU A 186 0.62 7.23 10.14
N PRO A 187 0.17 8.42 10.57
CA PRO A 187 -1.12 8.88 10.06
C PRO A 187 -1.16 9.06 8.54
N VAL A 188 -0.01 9.35 7.93
CA VAL A 188 0.04 9.50 6.48
C VAL A 188 -0.26 8.17 5.77
N ASP A 189 0.33 7.08 6.26
CA ASP A 189 0.05 5.76 5.70
C ASP A 189 -1.40 5.33 5.97
N VAL A 190 -1.94 5.71 7.11
CA VAL A 190 -3.33 5.42 7.41
C VAL A 190 -4.25 6.10 6.40
N TRP A 191 -3.94 7.36 6.11
CA TRP A 191 -4.73 8.13 5.16
C TRP A 191 -4.75 7.47 3.80
N SER A 192 -3.58 7.12 3.28
CA SER A 192 -3.51 6.52 1.95
C SER A 192 -4.27 5.20 1.91
N CYS A 193 -4.25 4.44 3.01
CA CYS A 193 -5.04 3.21 3.07
C CYS A 193 -6.54 3.52 2.97
N GLY A 194 -6.95 4.63 3.57
CA GLY A 194 -8.34 5.06 3.46
C GLY A 194 -8.74 5.41 2.03
N ILE A 195 -7.83 6.06 1.31
CA ILE A 195 -8.11 6.39 -0.09
C ILE A 195 -8.18 5.10 -0.91
N VAL A 196 -7.28 4.16 -0.62
CA VAL A 196 -7.35 2.86 -1.29
C VAL A 196 -8.69 2.17 -1.01
N LEU A 197 -9.15 2.23 0.24
CA LEU A 197 -10.43 1.61 0.57
C LEU A 197 -11.57 2.27 -0.20
N THR A 198 -11.55 3.60 -0.28
CA THR A 198 -12.56 4.32 -1.05
C THR A 198 -12.55 3.83 -2.51
N ALA A 199 -11.36 3.74 -3.09
CA ALA A 199 -11.20 3.24 -4.45
C ALA A 199 -11.79 1.84 -4.63
N MET A 200 -11.50 0.95 -3.69
CA MET A 200 -11.99 -0.43 -3.78
C MET A 200 -13.52 -0.48 -3.73
N LEU A 201 -14.13 0.45 -3.01
CA LEU A 201 -15.57 0.41 -2.79
C LEU A 201 -16.38 1.24 -3.78
N ALA A 202 -15.71 2.16 -4.48
CA ALA A 202 -16.42 3.10 -5.33
C ALA A 202 -15.88 3.13 -6.75
N GLY A 203 -14.68 2.62 -6.94
CA GLY A 203 -14.09 2.59 -8.26
C GLY A 203 -13.78 3.99 -8.75
N GLU A 204 -13.64 4.93 -7.83
CA GLU A 204 -13.15 6.26 -8.17
C GLU A 204 -12.40 6.87 -6.98
N LEU A 205 -11.49 7.77 -7.28
CA LEU A 205 -10.77 8.52 -6.25
C LEU A 205 -11.57 9.77 -5.92
N PRO A 206 -11.60 10.14 -4.63
CA PRO A 206 -12.48 11.21 -4.14
C PRO A 206 -12.06 12.63 -4.53
N TRP A 207 -10.77 12.85 -4.72
CA TRP A 207 -10.28 14.18 -5.09
C TRP A 207 -8.89 14.14 -5.75
N ASP A 208 -8.58 15.18 -6.51
CA ASP A 208 -7.24 15.32 -7.11
C ASP A 208 -6.18 15.43 -6.01
N GLN A 209 -6.53 16.13 -4.94
CA GLN A 209 -5.64 16.28 -3.80
C GLN A 209 -6.39 16.92 -2.63
N PRO A 210 -5.97 16.62 -1.40
CA PRO A 210 -6.69 17.09 -0.21
C PRO A 210 -6.29 18.52 0.18
N SER A 211 -6.63 19.48 -0.68
CA SER A 211 -6.28 20.88 -0.47
C SER A 211 -7.52 21.74 -0.31
N ASP A 212 -7.34 22.88 0.35
CA ASP A 212 -8.43 23.84 0.53
C ASP A 212 -9.02 24.27 -0.81
N SER A 213 -8.20 24.27 -1.84
CA SER A 213 -8.63 24.73 -3.16
C SER A 213 -9.35 23.64 -3.96
N CYS A 214 -9.39 22.43 -3.42
CA CYS A 214 -10.03 21.32 -4.12
C CYS A 214 -11.48 21.16 -3.70
N GLN A 215 -12.39 21.41 -4.64
CA GLN A 215 -13.82 21.44 -4.32
C GLN A 215 -14.29 20.12 -3.74
N GLU A 216 -13.84 19.00 -4.30
CA GLU A 216 -14.29 17.69 -3.86
C GLU A 216 -13.86 17.41 -2.42
N TYR A 217 -12.72 17.95 -2.03
CA TYR A 217 -12.25 17.77 -0.66
C TYR A 217 -13.03 18.66 0.29
N SER A 218 -13.36 19.87 -0.15
CA SER A 218 -14.18 20.76 0.65
C SER A 218 -15.54 20.15 0.90
N ASP A 219 -16.11 19.52 -0.12
CA ASP A 219 -17.42 18.89 -0.01
C ASP A 219 -17.41 17.78 1.05
N TRP A 220 -16.31 17.02 1.09
CA TRP A 220 -16.16 15.95 2.06
C TRP A 220 -16.08 16.49 3.49
N LYS A 221 -15.31 17.56 3.67
CA LYS A 221 -15.20 18.15 5.00
C LYS A 221 -16.54 18.76 5.43
N GLU A 222 -17.36 19.12 4.45
CA GLU A 222 -18.72 19.58 4.71
C GLU A 222 -19.72 18.44 4.80
N LYS A 223 -19.22 17.19 4.78
CA LYS A 223 -20.05 16.02 4.99
C LYS A 223 -21.18 15.85 3.99
N LYS A 224 -20.94 16.30 2.77
CA LYS A 224 -21.91 16.13 1.69
C LYS A 224 -21.76 14.74 1.08
N THR A 225 -22.15 13.72 1.85
CA THR A 225 -21.92 12.33 1.45
C THR A 225 -23.05 11.77 0.59
N TYR A 226 -23.97 12.64 0.20
CA TYR A 226 -24.98 12.28 -0.80
C TYR A 226 -24.36 12.38 -2.18
N LEU A 227 -23.12 12.87 -2.26
CA LEU A 227 -22.38 12.95 -3.50
C LEU A 227 -21.48 11.73 -3.70
N ASN A 228 -21.07 11.48 -4.94
CA ASN A 228 -20.08 10.44 -5.23
C ASN A 228 -18.71 10.91 -4.76
N PRO A 229 -17.82 9.97 -4.38
CA PRO A 229 -18.01 8.52 -4.39
C PRO A 229 -18.83 8.00 -3.20
N TRP A 230 -19.05 8.87 -2.23
CA TRP A 230 -19.53 8.47 -0.91
C TRP A 230 -20.90 7.80 -0.95
N LYS A 231 -21.76 8.22 -1.89
CA LYS A 231 -23.11 7.68 -1.91
C LYS A 231 -23.13 6.25 -2.46
N LYS A 232 -22.04 5.82 -3.06
CA LYS A 232 -21.91 4.44 -3.52
C LYS A 232 -21.47 3.51 -2.39
N ILE A 233 -21.08 4.10 -1.26
CA ILE A 233 -20.49 3.33 -0.18
C ILE A 233 -21.47 3.10 0.96
N ASP A 234 -21.62 1.86 1.38
CA ASP A 234 -22.55 1.55 2.46
C ASP A 234 -22.16 2.29 3.73
N SER A 235 -23.16 2.55 4.57
CA SER A 235 -22.96 3.38 5.75
C SER A 235 -21.91 2.82 6.71
N ALA A 236 -21.81 1.49 6.79
CA ALA A 236 -20.84 0.90 7.70
C ALA A 236 -19.40 1.23 7.29
N PRO A 237 -18.98 0.85 6.07
CA PRO A 237 -17.64 1.26 5.65
C PRO A 237 -17.47 2.78 5.53
N LEU A 238 -18.55 3.49 5.21
CA LEU A 238 -18.50 4.95 5.15
C LEU A 238 -18.13 5.55 6.50
N ALA A 239 -18.71 4.98 7.56
CA ALA A 239 -18.42 5.45 8.91
C ALA A 239 -16.93 5.29 9.25
N LEU A 240 -16.34 4.21 8.76
CA LEU A 240 -14.90 4.00 8.98
C LEU A 240 -14.11 5.08 8.23
N LEU A 241 -14.53 5.34 6.99
CA LEU A 241 -13.87 6.36 6.17
C LEU A 241 -13.97 7.75 6.80
N HIS A 242 -15.09 8.03 7.47
CA HIS A 242 -15.25 9.30 8.19
C HIS A 242 -14.24 9.43 9.33
N LYS A 243 -13.73 8.29 9.81
CA LYS A 243 -12.76 8.31 10.90
C LYS A 243 -11.31 8.32 10.38
N ILE A 244 -11.11 7.79 9.17
CA ILE A 244 -9.79 7.76 8.55
C ILE A 244 -9.45 9.06 7.83
N LEU A 245 -10.38 9.56 7.04
CA LEU A 245 -10.08 10.71 6.18
C LEU A 245 -10.36 12.00 6.95
N VAL A 246 -9.73 12.11 8.12
CA VAL A 246 -9.87 13.26 9.00
C VAL A 246 -8.66 14.18 8.78
N GLU A 247 -8.93 15.47 8.56
CA GLU A 247 -7.86 16.38 8.17
C GLU A 247 -6.76 16.51 9.20
N ASN A 248 -7.13 16.71 10.45
CA ASN A 248 -6.15 16.81 11.54
C ASN A 248 -5.55 15.44 11.84
N PRO A 249 -4.25 15.26 11.55
CA PRO A 249 -3.62 13.94 11.71
C PRO A 249 -3.58 13.45 13.15
N SER A 250 -3.63 14.39 14.09
CA SER A 250 -3.60 14.02 15.50
C SER A 250 -4.96 13.52 15.97
N ALA A 251 -6.00 13.88 15.22
CA ALA A 251 -7.35 13.43 15.54
C ALA A 251 -7.74 12.18 14.73
N ARG A 252 -6.96 11.90 13.68
CA ARG A 252 -7.25 10.79 12.78
C ARG A 252 -7.20 9.46 13.52
N ILE A 253 -8.06 8.52 13.13
CA ILE A 253 -8.10 7.21 13.77
C ILE A 253 -6.77 6.49 13.58
N THR A 254 -6.31 5.80 14.62
CA THR A 254 -5.10 4.99 14.55
C THR A 254 -5.47 3.56 14.17
N ILE A 255 -4.49 2.75 13.82
CA ILE A 255 -4.78 1.39 13.40
C ILE A 255 -5.35 0.52 14.53
N PRO A 256 -4.81 0.66 15.76
CA PRO A 256 -5.44 -0.10 16.86
C PRO A 256 -6.95 0.16 16.97
N ASP A 257 -7.37 1.39 16.68
CA ASP A 257 -8.79 1.71 16.70
C ASP A 257 -9.53 1.34 15.42
N ILE A 258 -8.83 1.35 14.29
CA ILE A 258 -9.42 0.79 13.08
C ILE A 258 -9.80 -0.68 13.33
N LYS A 259 -8.97 -1.38 14.09
CA LYS A 259 -9.23 -2.78 14.39
C LYS A 259 -10.46 -2.97 15.30
N LYS A 260 -10.96 -1.88 15.86
CA LYS A 260 -12.14 -1.94 16.73
C LYS A 260 -13.41 -1.45 16.02
N ASP A 261 -13.26 -1.06 14.75
CA ASP A 261 -14.34 -0.47 13.99
C ASP A 261 -15.39 -1.50 13.59
N ARG A 262 -16.64 -1.06 13.48
CA ARG A 262 -17.75 -1.96 13.25
C ARG A 262 -17.64 -2.68 11.90
N TRP A 263 -17.39 -1.93 10.83
CA TRP A 263 -17.29 -2.55 9.52
C TRP A 263 -16.06 -3.46 9.42
N TYR A 264 -14.94 -3.00 9.99
CA TYR A 264 -13.72 -3.79 9.98
C TYR A 264 -13.99 -5.20 10.53
N ASN A 265 -14.89 -5.28 11.51
CA ASN A 265 -15.16 -6.54 12.19
C ASN A 265 -16.43 -7.25 11.71
N LYS A 266 -17.07 -6.70 10.69
CA LYS A 266 -18.33 -7.25 10.22
C LYS A 266 -18.12 -8.52 9.38
N PRO A 267 -18.76 -9.63 9.77
CA PRO A 267 -18.64 -10.84 8.94
C PRO A 267 -19.28 -10.59 7.58
N LEU A 268 -18.51 -10.79 6.50
CA LEU A 268 -18.99 -10.51 5.16
C LEU A 268 -18.65 -11.62 4.17
N LYS A 269 -17.45 -12.17 4.29
CA LYS A 269 -16.91 -13.02 3.23
C LYS A 269 -16.68 -14.45 3.69
N LYS A 270 -17.23 -15.39 2.92
CA LYS A 270 -16.99 -16.80 3.15
C LYS A 270 -15.53 -17.11 2.86
N GLY A 271 -15.03 -18.19 3.45
CA GLY A 271 -13.65 -18.58 3.21
C GLY A 271 -13.45 -19.11 1.81
C1 AGY B . -12.61 -3.74 -14.89
N1 AGY B . -10.40 -3.09 -13.84
O1 AGY B . -9.19 -3.85 -15.61
C2 AGY B . -11.55 -3.88 -13.90
N2 AGY B . -8.27 -2.21 -14.40
O2 AGY B . -9.20 0.18 -14.77
C3 AGY B . -13.79 -4.65 -14.87
N3 AGY B . -8.28 -1.27 -13.32
O3 AGY B . -5.87 3.12 -9.96
C4 AGY B . -12.52 -2.72 -15.92
N4 AGY B . -6.74 2.16 -9.82
O4 AGY B . -6.58 1.19 -8.84
C5 AGY B . -11.69 -4.93 -12.89
C6 AGY B . -13.91 -5.67 -13.86
C7 AGY B . -14.82 -4.50 -15.85
C8 AGY B . -13.59 -2.59 -16.89
C9 AGY B . -12.85 -5.82 -12.87
C10 AGY B . -9.30 -3.08 -14.64
C11 AGY B . -14.72 -3.47 -16.86
C12 AGY B . -8.79 -0.05 -13.62
C13 AGY B . -8.83 1.00 -12.60
C14 AGY B . -7.79 1.10 -11.65
C15 AGY B . -9.92 1.93 -12.54
C16 AGY B . -7.78 2.12 -10.64
C17 AGY B . -9.96 2.96 -11.54
C18 AGY B . -8.88 3.08 -10.54
C19 AGY B . -8.97 4.21 -9.48
C20 AGY B . -10.39 4.39 -8.87
C21 AGY B . -8.18 4.12 -8.13
C22 AGY B . -8.45 5.50 -10.15
#